data_6Z19
#
_entry.id   6Z19
#
_cell.length_a   46.262
_cell.length_b   46.262
_cell.length_c   345.763
_cell.angle_alpha   90.000
_cell.angle_beta   90.000
_cell.angle_gamma   90.000
#
_symmetry.space_group_name_H-M   'P 43 21 2'
#
loop_
_entity.id
_entity.type
_entity.pdbx_description
1 polymer 'Casein kinase II subunit alpha'
2 polymer P2
3 non-polymer "ADENOSINE-5'-DIPHOSPHATE"
4 non-polymer 'ACETATE ION'
5 non-polymer GLYCEROL
6 non-polymer 'MAGNESIUM ION'
7 non-polymer DI(HYDROXYETHYL)ETHER
8 non-polymer 'SULFATE ION'
9 non-polymer 'SODIUM ION'
10 water water
#
loop_
_entity_poly.entity_id
_entity_poly.type
_entity_poly.pdbx_seq_one_letter_code
_entity_poly.pdbx_strand_id
1 'polypeptide(L)'
;SGPVPSRARVYTDVNTHRPREYWDYESHVVEWGNQDDYQLVRKLGRGKYSEVFEAINITNNEKVVVKILKPVKKKKIKRE
IKILENLRGGPNIITLADIVKDPVSRTPALVFEHVNNTDFKQLYQTLTDYDIRFYMYEILKALDYCHSMGIMHRDVKPHN
VMIDHEHRKLRLIDWGLAEFYHPGQEYNVRVASRYFKGPELLVDYQMYDYSLDMWSLGCMLASMIFRKEPFFHGHDNYDQ
LVRIAKVLGTEDLYDYIDKYNIELDPRFNDILGRHSRKRWERFVHSENQHLVSPEALDFLDKLLRYDHQSRLTAREAMEH
PYFYTVVK
;
B
2 'polypeptide(L)' ALYGFKWA C
#
loop_
_chem_comp.id
_chem_comp.type
_chem_comp.name
_chem_comp.formula
ACT non-polymer 'ACETATE ION' 'C2 H3 O2 -1'
ADP non-polymer ADENOSINE-5'-DIPHOSPHATE 'C10 H15 N5 O10 P2'
GOL non-polymer GLYCEROL 'C3 H8 O3'
MG non-polymer 'MAGNESIUM ION' 'Mg 2'
NA non-polymer 'SODIUM ION' 'Na 1'
PEG non-polymer DI(HYDROXYETHYL)ETHER 'C4 H10 O3'
SO4 non-polymer 'SULFATE ION' 'O4 S -2'
#
# COMPACT_ATOMS: atom_id res chain seq x y z
N SER A 1 25.69 -5.41 -19.65
CA SER A 1 24.47 -6.27 -19.75
C SER A 1 23.80 -6.37 -18.37
N GLY A 2 22.48 -6.28 -18.35
CA GLY A 2 21.69 -6.51 -17.12
C GLY A 2 21.53 -5.30 -16.23
N PRO A 3 20.44 -5.18 -15.48
CA PRO A 3 20.26 -4.03 -14.62
C PRO A 3 21.25 -3.98 -13.44
N VAL A 4 21.52 -2.77 -12.99
CA VAL A 4 22.38 -2.57 -11.80
C VAL A 4 21.56 -3.04 -10.61
N PRO A 5 22.16 -3.71 -9.61
N PRO A 5 22.16 -3.70 -9.60
CA PRO A 5 21.40 -4.16 -8.46
CA PRO A 5 21.41 -4.15 -8.45
C PRO A 5 21.09 -2.98 -7.51
C PRO A 5 21.09 -2.98 -7.52
N SER A 6 20.11 -3.19 -6.66
CA SER A 6 19.68 -2.16 -5.69
C SER A 6 19.26 -2.87 -4.41
N ARG A 7 19.44 -2.18 -3.30
CA ARG A 7 18.92 -2.68 -2.00
C ARG A 7 18.34 -1.51 -1.21
N ALA A 8 17.47 -1.82 -0.26
CA ALA A 8 16.81 -0.80 0.59
C ALA A 8 17.88 -0.08 1.43
N ARG A 9 17.73 1.24 1.59
CA ARG A 9 18.64 2.06 2.44
C ARG A 9 18.44 1.71 3.91
N VAL A 10 17.22 1.30 4.29
CA VAL A 10 16.89 0.99 5.71
C VAL A 10 16.27 -0.41 5.81
N TYR A 11 16.46 -1.06 6.97
CA TYR A 11 15.90 -2.40 7.27
C TYR A 11 16.29 -3.42 6.19
N THR A 12 17.52 -3.34 5.69
CA THR A 12 17.97 -4.18 4.55
C THR A 12 18.00 -5.65 4.92
N ASP A 13 18.50 -5.96 6.12
CA ASP A 13 18.76 -7.37 6.50
C ASP A 13 17.83 -7.84 7.62
N VAL A 14 16.64 -7.25 7.74
CA VAL A 14 15.72 -7.70 8.81
C VAL A 14 15.43 -9.19 8.64
N ASN A 15 15.10 -9.65 7.47
CA ASN A 15 14.76 -11.07 7.25
C ASN A 15 16.04 -11.91 7.26
N THR A 16 17.14 -11.38 6.72
CA THR A 16 18.41 -12.13 6.71
C THR A 16 18.78 -12.58 8.12
N HIS A 17 18.57 -11.74 9.13
CA HIS A 17 19.00 -11.99 10.54
C HIS A 17 17.87 -12.59 11.37
N ARG A 18 16.75 -12.94 10.75
CA ARG A 18 15.68 -13.66 11.49
C ARG A 18 15.67 -15.13 11.12
N PRO A 19 15.18 -15.96 12.06
CA PRO A 19 15.07 -17.38 11.77
C PRO A 19 14.17 -17.64 10.56
N ARG A 20 14.44 -18.74 9.88
CA ARG A 20 13.69 -19.20 8.68
C ARG A 20 12.17 -19.17 8.98
N GLU A 21 11.73 -19.56 10.15
CA GLU A 21 10.27 -19.68 10.41
C GLU A 21 9.60 -18.29 10.30
N TYR A 22 10.35 -17.20 10.50
CA TYR A 22 9.76 -15.85 10.42
C TYR A 22 9.33 -15.53 9.00
N TRP A 23 10.12 -15.89 7.98
CA TRP A 23 9.84 -15.45 6.62
C TRP A 23 9.49 -16.59 5.68
N ASP A 24 9.66 -17.85 6.09
CA ASP A 24 9.38 -19.00 5.18
C ASP A 24 7.88 -19.31 5.33
N TYR A 25 7.05 -18.48 4.72
CA TYR A 25 5.60 -18.60 4.93
C TYR A 25 5.05 -19.90 4.33
N GLU A 26 5.70 -20.53 3.35
CA GLU A 26 5.14 -21.81 2.79
C GLU A 26 5.17 -22.92 3.84
N SER A 27 6.07 -22.88 4.81
CA SER A 27 6.15 -23.90 5.89
C SER A 27 5.25 -23.53 7.08
N HIS A 28 4.54 -22.39 7.02
CA HIS A 28 3.70 -21.98 8.17
C HIS A 28 2.58 -22.99 8.40
N VAL A 29 2.40 -23.38 9.64
CA VAL A 29 1.26 -24.21 10.11
C VAL A 29 0.19 -23.25 10.66
N VAL A 30 -0.93 -23.18 9.97
CA VAL A 30 -2.03 -22.27 10.40
C VAL A 30 -2.70 -22.80 11.66
N GLU A 31 -3.01 -21.92 12.61
CA GLU A 31 -3.80 -22.26 13.82
C GLU A 31 -5.23 -21.81 13.52
N TRP A 32 -6.19 -22.71 13.58
CA TRP A 32 -7.58 -22.44 13.14
C TRP A 32 -8.47 -22.33 14.34
N GLY A 33 -9.32 -21.31 14.38
CA GLY A 33 -10.34 -21.16 15.40
C GLY A 33 -11.60 -21.89 15.02
N ASN A 34 -12.69 -21.50 15.71
CA ASN A 34 -14.04 -22.09 15.55
C ASN A 34 -14.91 -21.19 14.66
N GLN A 35 -15.17 -21.68 13.46
CA GLN A 35 -15.94 -20.94 12.44
C GLN A 35 -17.30 -20.54 13.02
N ASP A 36 -17.88 -21.38 13.88
CA ASP A 36 -19.26 -21.14 14.38
C ASP A 36 -19.32 -19.99 15.36
N ASP A 37 -18.20 -19.41 15.77
CA ASP A 37 -18.20 -18.19 16.59
C ASP A 37 -18.74 -17.00 15.78
N TYR A 38 -18.71 -17.04 14.44
CA TYR A 38 -18.91 -15.85 13.58
C TYR A 38 -20.12 -16.08 12.69
N GLN A 39 -20.99 -15.07 12.62
CA GLN A 39 -22.14 -15.07 11.69
C GLN A 39 -22.06 -13.84 10.81
N LEU A 40 -22.34 -14.01 9.53
CA LEU A 40 -22.21 -12.96 8.48
C LEU A 40 -23.38 -12.00 8.60
N VAL A 41 -23.11 -10.68 8.58
CA VAL A 41 -24.09 -9.57 8.65
C VAL A 41 -24.31 -8.99 7.26
N ARG A 42 -23.26 -8.60 6.54
CA ARG A 42 -23.41 -7.99 5.21
C ARG A 42 -22.11 -8.06 4.42
N LYS A 43 -22.27 -8.07 3.11
CA LYS A 43 -21.15 -8.04 2.14
C LYS A 43 -20.49 -6.66 2.17
N LEU A 44 -19.16 -6.59 2.18
CA LEU A 44 -18.41 -5.30 2.10
C LEU A 44 -17.69 -5.16 0.77
N GLY A 45 -17.22 -6.27 0.22
CA GLY A 45 -16.50 -6.34 -1.05
C GLY A 45 -16.56 -7.73 -1.62
N ARG A 46 -16.52 -7.85 -2.95
CA ARG A 46 -16.43 -9.17 -3.65
C ARG A 46 -15.49 -9.01 -4.85
N GLY A 47 -14.22 -9.39 -4.66
CA GLY A 47 -13.21 -9.48 -5.72
C GLY A 47 -13.29 -10.84 -6.37
N LYS A 48 -12.42 -11.10 -7.35
CA LYS A 48 -12.34 -12.45 -7.97
C LYS A 48 -11.77 -13.41 -6.90
N TYR A 49 -10.89 -12.94 -6.02
CA TYR A 49 -10.01 -13.77 -5.15
C TYR A 49 -10.34 -13.61 -3.65
N SER A 50 -11.39 -12.86 -3.30
CA SER A 50 -11.85 -12.69 -1.89
C SER A 50 -13.32 -12.29 -1.88
N GLU A 51 -14.01 -12.62 -0.79
CA GLU A 51 -15.35 -12.08 -0.47
C GLU A 51 -15.24 -11.57 0.95
N VAL A 52 -15.61 -10.34 1.22
CA VAL A 52 -15.41 -9.77 2.57
C VAL A 52 -16.78 -9.44 3.15
N PHE A 53 -16.96 -9.73 4.42
CA PHE A 53 -18.23 -9.48 5.10
C PHE A 53 -17.99 -8.80 6.44
N GLU A 54 -18.91 -7.91 6.82
CA GLU A 54 -19.12 -7.59 8.24
C GLU A 54 -19.77 -8.82 8.88
N ALA A 55 -19.39 -9.13 10.11
CA ALA A 55 -19.88 -10.30 10.85
C ALA A 55 -19.94 -9.95 12.33
N ILE A 56 -20.64 -10.80 13.07
CA ILE A 56 -20.78 -10.70 14.53
C ILE A 56 -20.10 -11.91 15.14
N ASN A 57 -19.21 -11.63 16.08
CA ASN A 57 -18.69 -12.70 16.97
C ASN A 57 -19.79 -12.97 18.01
N ILE A 58 -20.44 -14.13 17.93
CA ILE A 58 -21.62 -14.42 18.80
C ILE A 58 -21.12 -14.79 20.19
N THR A 59 -19.81 -15.00 20.41
CA THR A 59 -19.29 -15.30 21.77
C THR A 59 -19.18 -14.02 22.61
N ASN A 60 -19.06 -12.82 22.04
CA ASN A 60 -18.81 -11.58 22.83
C ASN A 60 -19.62 -10.40 22.26
N ASN A 61 -20.46 -10.68 21.25
CA ASN A 61 -21.33 -9.64 20.63
C ASN A 61 -20.51 -8.47 20.05
N GLU A 62 -19.27 -8.72 19.58
CA GLU A 62 -18.48 -7.69 18.86
C GLU A 62 -18.53 -7.93 17.36
N LYS A 63 -18.64 -6.83 16.60
CA LYS A 63 -18.47 -6.91 15.15
C LYS A 63 -17.02 -7.28 14.85
N VAL A 64 -16.87 -8.03 13.78
CA VAL A 64 -15.56 -8.38 13.16
C VAL A 64 -15.75 -8.28 11.65
N VAL A 65 -14.69 -8.50 10.89
CA VAL A 65 -14.76 -8.57 9.42
C VAL A 65 -14.17 -9.91 9.00
N VAL A 66 -14.88 -10.63 8.15
CA VAL A 66 -14.51 -11.96 7.61
C VAL A 66 -14.09 -11.79 6.16
N LYS A 67 -12.88 -12.25 5.83
CA LYS A 67 -12.35 -12.19 4.48
C LYS A 67 -12.17 -13.63 4.01
N ILE A 68 -13.03 -14.10 3.13
CA ILE A 68 -12.94 -15.44 2.51
C ILE A 68 -11.82 -15.38 1.52
N LEU A 69 -10.89 -16.33 1.57
CA LEU A 69 -9.75 -16.30 0.68
C LEU A 69 -9.92 -17.33 -0.42
N LYS A 70 -9.85 -16.89 -1.67
CA LYS A 70 -9.90 -17.78 -2.87
C LYS A 70 -8.80 -17.39 -3.84
N PRO A 71 -7.49 -17.33 -3.44
CA PRO A 71 -6.45 -16.91 -4.37
C PRO A 71 -6.23 -18.01 -5.40
N VAL A 72 -5.59 -17.64 -6.51
CA VAL A 72 -5.17 -18.61 -7.57
C VAL A 72 -4.19 -19.68 -7.01
N LYS A 73 -3.19 -19.29 -6.19
CA LYS A 73 -2.21 -20.23 -5.59
C LYS A 73 -2.39 -20.28 -4.06
N LYS A 74 -2.53 -21.48 -3.47
CA LYS A 74 -2.79 -21.62 -2.01
C LYS A 74 -1.64 -21.05 -1.16
N LYS A 75 -0.42 -21.05 -1.70
CA LYS A 75 0.78 -20.43 -1.11
C LYS A 75 0.38 -19.04 -0.56
N LYS A 76 -0.43 -18.33 -1.32
CA LYS A 76 -0.77 -16.93 -1.02
C LYS A 76 -1.62 -16.86 0.24
N ILE A 77 -2.36 -17.92 0.58
CA ILE A 77 -3.14 -17.94 1.85
C ILE A 77 -2.13 -17.82 2.99
N LYS A 78 -1.12 -18.69 2.99
CA LYS A 78 -0.14 -18.67 4.10
C LYS A 78 0.69 -17.38 4.07
N ARG A 79 0.90 -16.79 2.90
CA ARG A 79 1.68 -15.52 2.88
C ARG A 79 0.91 -14.45 3.65
N GLU A 80 -0.36 -14.25 3.30
CA GLU A 80 -1.19 -13.20 3.93
C GLU A 80 -1.28 -13.48 5.45
N ILE A 81 -1.52 -14.72 5.81
CA ILE A 81 -1.65 -15.11 7.25
C ILE A 81 -0.34 -14.81 7.97
N LYS A 82 0.78 -15.31 7.44
CA LYS A 82 2.07 -15.16 8.15
C LYS A 82 2.44 -13.70 8.29
N ILE A 83 2.18 -12.90 7.24
CA ILE A 83 2.49 -11.47 7.33
C ILE A 83 1.62 -10.80 8.40
N LEU A 84 0.32 -11.12 8.39
CA LEU A 84 -0.59 -10.53 9.41
C LEU A 84 -0.17 -10.92 10.82
N GLU A 85 0.27 -12.16 10.98
CA GLU A 85 0.70 -12.60 12.35
C GLU A 85 2.02 -11.92 12.71
N ASN A 86 2.95 -11.79 11.75
CA ASN A 86 4.23 -11.12 12.05
C ASN A 86 3.98 -9.68 12.48
N LEU A 87 3.02 -9.01 11.84
CA LEU A 87 2.81 -7.56 12.04
C LEU A 87 1.78 -7.27 13.13
N ARG A 88 1.18 -8.32 13.72
CA ARG A 88 0.07 -8.09 14.65
C ARG A 88 0.56 -7.28 15.85
N GLY A 89 -0.25 -6.30 16.23
CA GLY A 89 0.12 -5.38 17.30
C GLY A 89 0.86 -4.13 16.84
N GLY A 90 1.35 -4.10 15.59
CA GLY A 90 2.03 -2.91 15.09
C GLY A 90 1.08 -1.71 15.05
N PRO A 91 1.60 -0.49 15.17
CA PRO A 91 0.77 0.71 15.19
C PRO A 91 -0.01 0.79 13.87
N ASN A 92 -1.36 0.88 13.97
CA ASN A 92 -2.24 1.12 12.81
C ASN A 92 -2.24 -0.06 11.84
N ILE A 93 -1.72 -1.21 12.25
CA ILE A 93 -1.82 -2.48 11.49
C ILE A 93 -3.13 -3.19 11.84
N ILE A 94 -3.92 -3.55 10.84
CA ILE A 94 -5.19 -4.25 11.11
C ILE A 94 -4.87 -5.50 11.93
N THR A 95 -5.70 -5.82 12.90
CA THR A 95 -5.47 -7.00 13.74
C THR A 95 -6.18 -8.23 13.20
N LEU A 96 -5.44 -9.31 12.92
CA LEU A 96 -6.02 -10.61 12.62
C LEU A 96 -6.46 -11.24 13.95
N ALA A 97 -7.75 -11.31 14.18
CA ALA A 97 -8.34 -11.82 15.43
C ALA A 97 -8.46 -13.33 15.36
N ASP A 98 -8.68 -13.93 14.21
CA ASP A 98 -8.91 -15.38 14.12
C ASP A 98 -8.71 -15.81 12.69
N ILE A 99 -8.64 -17.12 12.51
CA ILE A 99 -8.55 -17.76 11.16
C ILE A 99 -9.41 -18.98 11.20
N VAL A 100 -10.40 -19.07 10.34
CA VAL A 100 -11.32 -20.20 10.42
C VAL A 100 -11.46 -20.82 9.07
N LYS A 101 -12.12 -21.98 9.02
CA LYS A 101 -12.38 -22.59 7.70
C LYS A 101 -13.71 -23.33 7.70
N ASP A 102 -14.28 -23.44 6.51
CA ASP A 102 -15.48 -24.27 6.31
C ASP A 102 -15.12 -25.74 6.53
N PRO A 103 -15.74 -26.44 7.50
CA PRO A 103 -15.42 -27.84 7.73
C PRO A 103 -15.69 -28.67 6.51
N VAL A 104 -16.56 -28.22 5.60
CA VAL A 104 -16.93 -29.02 4.39
C VAL A 104 -16.03 -28.63 3.22
N SER A 105 -16.10 -27.40 2.71
CA SER A 105 -15.34 -26.99 1.50
C SER A 105 -13.85 -26.72 1.84
N ARG A 106 -13.57 -26.49 3.14
CA ARG A 106 -12.23 -26.10 3.62
C ARG A 106 -11.88 -24.69 3.14
N THR A 107 -12.83 -23.94 2.59
CA THR A 107 -12.50 -22.54 2.26
C THR A 107 -12.07 -21.80 3.51
N PRO A 108 -10.88 -21.16 3.50
CA PRO A 108 -10.39 -20.45 4.66
C PRO A 108 -10.86 -19.00 4.70
N ALA A 109 -10.96 -18.45 5.89
CA ALA A 109 -11.41 -17.08 6.12
C ALA A 109 -10.61 -16.43 7.22
N LEU A 110 -10.14 -15.24 6.99
CA LEU A 110 -9.47 -14.42 7.98
C LEU A 110 -10.53 -13.64 8.74
N VAL A 111 -10.37 -13.51 10.04
CA VAL A 111 -11.28 -12.71 10.89
C VAL A 111 -10.49 -11.55 11.46
N PHE A 112 -10.92 -10.34 11.15
CA PHE A 112 -10.22 -9.12 11.52
C PHE A 112 -11.02 -8.32 12.52
N GLU A 113 -10.34 -7.48 13.27
CA GLU A 113 -10.96 -6.33 13.95
C GLU A 113 -11.76 -5.51 12.93
N HIS A 114 -12.92 -5.04 13.35
CA HIS A 114 -13.81 -4.22 12.52
C HIS A 114 -13.38 -2.77 12.62
N VAL A 115 -13.37 -2.09 11.47
CA VAL A 115 -13.21 -0.61 11.46
C VAL A 115 -14.47 -0.05 10.79
N ASN A 116 -15.06 0.94 11.40
CA ASN A 116 -16.29 1.60 10.91
C ASN A 116 -15.91 2.60 9.82
N ASN A 117 -15.51 2.09 8.66
CA ASN A 117 -14.92 2.89 7.54
C ASN A 117 -16.02 3.74 6.92
N THR A 118 -15.66 4.91 6.41
CA THR A 118 -16.49 5.64 5.43
C THR A 118 -15.77 5.64 4.09
N ASP A 119 -16.40 5.16 3.02
CA ASP A 119 -15.92 5.18 1.62
C ASP A 119 -15.16 6.49 1.41
N PHE A 120 -13.93 6.41 0.88
CA PHE A 120 -13.04 7.60 0.72
C PHE A 120 -13.71 8.61 -0.22
N LYS A 121 -14.57 8.12 -1.11
CA LYS A 121 -15.23 9.03 -2.10
C LYS A 121 -16.28 9.91 -1.39
N GLN A 122 -16.68 9.54 -0.18
N GLN A 122 -16.69 9.58 -0.17
CA GLN A 122 -17.57 10.34 0.70
CA GLN A 122 -17.51 10.51 0.66
C GLN A 122 -16.74 11.07 1.76
C GLN A 122 -16.65 11.15 1.74
N LEU A 123 -15.77 10.39 2.38
CA LEU A 123 -15.03 10.94 3.54
C LEU A 123 -14.01 11.98 3.10
N TYR A 124 -13.20 11.74 2.07
CA TYR A 124 -11.97 12.55 1.91
C TYR A 124 -12.34 14.02 1.65
N GLN A 125 -13.43 14.26 0.94
CA GLN A 125 -13.84 15.65 0.64
C GLN A 125 -14.24 16.40 1.91
N THR A 126 -14.43 15.74 3.07
CA THR A 126 -14.78 16.42 4.36
C THR A 126 -13.52 16.68 5.22
N LEU A 127 -12.36 16.12 4.84
CA LEU A 127 -11.19 16.24 5.72
C LEU A 127 -10.54 17.61 5.60
N THR A 128 -10.02 18.11 6.72
CA THR A 128 -9.30 19.40 6.76
C THR A 128 -7.82 19.15 6.48
N ASP A 129 -7.04 20.21 6.43
CA ASP A 129 -5.58 20.10 6.21
C ASP A 129 -4.99 19.29 7.37
N TYR A 130 -5.41 19.59 8.60
CA TYR A 130 -4.88 18.86 9.77
C TYR A 130 -5.27 17.38 9.72
N ASP A 131 -6.49 17.08 9.27
CA ASP A 131 -6.95 15.66 9.21
C ASP A 131 -6.05 14.88 8.25
N ILE A 132 -5.72 15.47 7.11
CA ILE A 132 -4.85 14.75 6.12
C ILE A 132 -3.47 14.53 6.72
N ARG A 133 -2.91 15.55 7.39
CA ARG A 133 -1.59 15.39 8.04
C ARG A 133 -1.68 14.30 9.11
N PHE A 134 -2.76 14.34 9.90
CA PHE A 134 -2.91 13.35 11.00
C PHE A 134 -3.02 11.93 10.45
N TYR A 135 -3.86 11.72 9.43
CA TYR A 135 -4.07 10.38 8.83
C TYR A 135 -2.81 9.89 8.13
N MET A 136 -2.11 10.80 7.44
CA MET A 136 -0.86 10.43 6.74
C MET A 136 0.17 9.97 7.77
N TYR A 137 0.24 10.64 8.92
CA TYR A 137 1.20 10.24 9.98
C TYR A 137 0.84 8.85 10.50
N GLU A 138 -0.46 8.56 10.65
CA GLU A 138 -0.91 7.23 11.11
C GLU A 138 -0.48 6.16 10.09
N ILE A 139 -0.62 6.45 8.80
CA ILE A 139 -0.21 5.47 7.77
C ILE A 139 1.32 5.30 7.85
N LEU A 140 2.06 6.38 8.06
CA LEU A 140 3.54 6.29 8.16
C LEU A 140 3.93 5.45 9.36
N LYS A 141 3.22 5.57 10.47
CA LYS A 141 3.57 4.67 11.61
C LYS A 141 3.48 3.22 11.13
N ALA A 142 2.41 2.84 10.45
CA ALA A 142 2.16 1.47 9.98
C ALA A 142 3.24 1.03 9.02
N LEU A 143 3.61 1.93 8.09
CA LEU A 143 4.64 1.57 7.09
C LEU A 143 6.04 1.51 7.70
N ASP A 144 6.42 2.44 8.56
CA ASP A 144 7.75 2.31 9.21
C ASP A 144 7.75 1.00 10.03
N TYR A 145 6.65 0.66 10.69
CA TYR A 145 6.62 -0.62 11.44
C TYR A 145 6.77 -1.79 10.48
N CYS A 146 5.97 -1.88 9.41
CA CYS A 146 5.99 -3.09 8.58
C CYS A 146 7.35 -3.19 7.88
N HIS A 147 7.87 -2.08 7.40
CA HIS A 147 9.22 -2.06 6.79
C HIS A 147 10.24 -2.55 7.82
N SER A 148 10.12 -2.07 9.03
CA SER A 148 11.06 -2.46 10.13
C SER A 148 10.96 -3.94 10.44
N MET A 149 9.86 -4.59 10.07
CA MET A 149 9.60 -6.01 10.28
C MET A 149 9.86 -6.79 9.00
N GLY A 150 10.45 -6.14 7.97
CA GLY A 150 10.88 -6.86 6.77
C GLY A 150 9.80 -7.08 5.76
N ILE A 151 8.74 -6.26 5.80
N ILE A 151 8.74 -6.27 5.83
CA ILE A 151 7.59 -6.48 4.88
CA ILE A 151 7.53 -6.40 4.96
C ILE A 151 7.28 -5.21 4.11
C ILE A 151 7.35 -5.16 4.09
N MET A 152 7.14 -5.38 2.81
CA MET A 152 6.64 -4.35 1.88
C MET A 152 5.13 -4.60 1.69
N HIS A 153 4.33 -3.54 1.77
CA HIS A 153 2.86 -3.68 1.62
C HIS A 153 2.48 -3.98 0.16
N ARG A 154 2.93 -3.11 -0.77
CA ARG A 154 2.79 -3.24 -2.26
C ARG A 154 1.38 -2.93 -2.78
N ASP A 155 0.46 -2.52 -1.91
CA ASP A 155 -0.93 -2.19 -2.36
C ASP A 155 -1.47 -1.01 -1.55
N VAL A 156 -0.63 -0.02 -1.24
CA VAL A 156 -1.09 1.16 -0.47
C VAL A 156 -1.98 2.02 -1.38
N LYS A 157 -3.22 2.23 -0.96
CA LYS A 157 -4.23 3.04 -1.70
C LYS A 157 -5.45 3.23 -0.79
N PRO A 158 -6.33 4.21 -1.06
CA PRO A 158 -7.49 4.46 -0.21
C PRO A 158 -8.35 3.23 0.14
N HIS A 159 -8.60 2.34 -0.83
CA HIS A 159 -9.47 1.16 -0.57
C HIS A 159 -8.86 0.25 0.48
N ASN A 160 -7.53 0.34 0.70
CA ASN A 160 -6.84 -0.52 1.70
C ASN A 160 -6.48 0.28 2.94
N VAL A 161 -7.10 1.41 3.18
CA VAL A 161 -6.88 2.26 4.37
C VAL A 161 -8.24 2.55 4.99
N MET A 162 -8.51 1.87 6.10
CA MET A 162 -9.79 1.99 6.78
C MET A 162 -9.68 3.15 7.76
N ILE A 163 -10.67 4.04 7.77
CA ILE A 163 -10.72 5.17 8.70
C ILE A 163 -12.11 5.27 9.33
N ASP A 164 -12.15 5.09 10.65
CA ASP A 164 -13.33 5.41 11.51
C ASP A 164 -13.10 6.86 11.95
N HIS A 165 -13.58 7.81 11.17
CA HIS A 165 -13.29 9.25 11.38
C HIS A 165 -13.82 9.73 12.74
N GLU A 166 -14.97 9.21 13.18
CA GLU A 166 -15.54 9.58 14.50
C GLU A 166 -14.52 9.35 15.61
N HIS A 167 -13.72 8.26 15.57
CA HIS A 167 -12.75 7.91 16.63
C HIS A 167 -11.32 8.21 16.17
N ARG A 168 -11.14 8.90 15.04
CA ARG A 168 -9.78 9.28 14.57
C ARG A 168 -8.92 8.02 14.45
N LYS A 169 -9.51 6.95 13.93
CA LYS A 169 -8.95 5.58 14.01
C LYS A 169 -8.67 5.05 12.60
N LEU A 170 -7.39 4.80 12.34
CA LEU A 170 -6.96 4.35 11.00
C LEU A 170 -6.27 3.00 11.11
N ARG A 171 -6.59 2.16 10.16
CA ARG A 171 -5.93 0.83 10.03
C ARG A 171 -5.52 0.63 8.59
N LEU A 172 -4.26 0.20 8.40
CA LEU A 172 -3.77 -0.26 7.09
C LEU A 172 -4.15 -1.73 6.94
N ILE A 173 -5.01 -2.02 6.00
CA ILE A 173 -5.53 -3.37 5.74
C ILE A 173 -4.93 -3.97 4.48
N ASP A 174 -5.41 -5.14 4.13
CA ASP A 174 -5.18 -5.83 2.83
C ASP A 174 -3.68 -6.09 2.67
N TRP A 175 -3.22 -7.13 3.34
CA TRP A 175 -1.81 -7.59 3.29
C TRP A 175 -1.68 -8.78 2.34
N GLY A 176 -2.64 -8.96 1.43
CA GLY A 176 -2.63 -10.08 0.47
C GLY A 176 -1.60 -9.94 -0.63
N LEU A 177 -1.13 -8.73 -0.92
CA LEU A 177 -0.08 -8.52 -1.96
C LEU A 177 1.26 -8.26 -1.26
N ALA A 178 1.26 -8.26 0.07
CA ALA A 178 2.48 -7.96 0.85
C ALA A 178 3.55 -9.06 0.67
N GLU A 179 4.83 -8.68 0.78
CA GLU A 179 5.91 -9.66 0.62
C GLU A 179 7.02 -9.33 1.59
N PHE A 180 7.79 -10.38 1.87
CA PHE A 180 8.98 -10.26 2.74
C PHE A 180 10.09 -9.66 1.88
N TYR A 181 10.79 -8.67 2.42
CA TYR A 181 11.88 -8.05 1.64
C TYR A 181 13.18 -8.83 1.89
N HIS A 182 13.79 -9.32 0.82
CA HIS A 182 15.10 -10.02 0.86
C HIS A 182 16.01 -9.24 -0.07
N PRO A 183 17.13 -8.66 0.41
CA PRO A 183 17.99 -7.87 -0.46
C PRO A 183 18.44 -8.69 -1.68
N GLY A 184 18.31 -8.08 -2.86
CA GLY A 184 18.71 -8.73 -4.13
C GLY A 184 17.59 -9.55 -4.75
N GLN A 185 16.49 -9.78 -4.04
CA GLN A 185 15.42 -10.60 -4.64
C GLN A 185 14.77 -9.79 -5.76
N GLU A 186 14.51 -10.47 -6.87
CA GLU A 186 13.76 -9.92 -8.03
C GLU A 186 12.28 -10.29 -7.84
N TYR A 187 11.43 -9.29 -7.68
CA TYR A 187 9.99 -9.40 -7.35
C TYR A 187 9.17 -9.26 -8.63
N ASN A 188 7.95 -9.70 -8.58
CA ASN A 188 6.95 -9.53 -9.65
C ASN A 188 6.64 -8.05 -9.74
N VAL A 189 6.73 -7.45 -10.94
CA VAL A 189 6.37 -6.01 -11.10
C VAL A 189 4.86 -5.85 -11.32
N ARG A 190 4.17 -6.96 -11.58
CA ARG A 190 2.71 -6.93 -11.82
C ARG A 190 2.01 -6.88 -10.46
N VAL A 191 2.29 -5.83 -9.70
CA VAL A 191 1.69 -5.61 -8.36
C VAL A 191 1.18 -4.17 -8.30
N ALA A 192 0.16 -3.96 -7.46
CA ALA A 192 -0.50 -2.66 -7.13
C ALA A 192 -1.48 -2.20 -8.21
N SER A 193 -2.30 -1.22 -7.86
CA SER A 193 -3.26 -0.62 -8.82
C SER A 193 -2.45 0.25 -9.78
N ARG A 194 -2.94 0.44 -11.01
CA ARG A 194 -2.17 1.16 -12.03
C ARG A 194 -1.83 2.59 -11.56
N TYR A 195 -2.79 3.32 -10.99
CA TYR A 195 -2.55 4.72 -10.58
C TYR A 195 -1.49 4.82 -9.47
N PHE A 196 -1.30 3.75 -8.69
CA PHE A 196 -0.34 3.79 -7.56
C PHE A 196 0.97 3.06 -7.87
N LYS A 197 1.10 2.52 -9.09
CA LYS A 197 2.33 1.79 -9.46
C LYS A 197 3.53 2.73 -9.48
N GLY A 198 4.65 2.30 -8.89
CA GLY A 198 5.86 3.13 -8.89
C GLY A 198 6.57 3.03 -10.24
N PRO A 199 7.47 3.97 -10.59
CA PRO A 199 8.23 3.90 -11.85
C PRO A 199 9.01 2.59 -12.02
N GLU A 200 9.54 2.03 -10.92
CA GLU A 200 10.31 0.75 -10.98
C GLU A 200 9.40 -0.35 -11.56
N LEU A 201 8.13 -0.41 -11.15
CA LEU A 201 7.20 -1.44 -11.68
C LEU A 201 6.93 -1.19 -13.17
N LEU A 202 6.71 0.07 -13.53
CA LEU A 202 6.36 0.47 -14.93
C LEU A 202 7.52 0.18 -15.90
N VAL A 203 8.76 0.37 -15.46
CA VAL A 203 9.94 0.13 -16.35
C VAL A 203 10.48 -1.29 -16.16
N ASP A 204 9.76 -2.15 -15.42
CA ASP A 204 10.16 -3.55 -15.19
C ASP A 204 11.51 -3.64 -14.45
N TYR A 205 11.68 -2.89 -13.38
CA TYR A 205 12.86 -3.03 -12.51
C TYR A 205 12.41 -3.88 -11.32
N GLN A 206 12.87 -5.12 -11.26
CA GLN A 206 12.33 -6.11 -10.29
C GLN A 206 12.97 -6.05 -8.91
N MET A 207 14.12 -5.41 -8.79
CA MET A 207 14.84 -5.43 -7.49
C MET A 207 14.46 -4.23 -6.62
N TYR A 208 13.17 -4.11 -6.38
CA TYR A 208 12.58 -2.99 -5.62
C TYR A 208 12.50 -3.33 -4.14
N ASP A 209 12.03 -2.36 -3.38
CA ASP A 209 12.03 -2.52 -1.91
C ASP A 209 10.88 -1.72 -1.27
N TYR A 210 10.93 -1.56 0.04
CA TYR A 210 9.93 -0.81 0.83
C TYR A 210 9.59 0.53 0.19
N SER A 211 10.56 1.15 -0.50
CA SER A 211 10.40 2.48 -1.12
C SER A 211 9.22 2.50 -2.11
N LEU A 212 8.78 1.32 -2.55
CA LEU A 212 7.62 1.23 -3.48
C LEU A 212 6.38 1.78 -2.75
N ASP A 213 6.23 1.45 -1.48
CA ASP A 213 5.08 1.91 -0.65
C ASP A 213 5.10 3.43 -0.52
N MET A 214 6.29 4.03 -0.41
CA MET A 214 6.41 5.50 -0.29
C MET A 214 5.92 6.19 -1.56
N TRP A 215 6.20 5.62 -2.74
CA TRP A 215 5.66 6.22 -3.98
C TRP A 215 4.13 6.12 -3.98
N SER A 216 3.59 4.96 -3.60
CA SER A 216 2.13 4.73 -3.53
C SER A 216 1.52 5.75 -2.58
N LEU A 217 2.15 5.94 -1.42
CA LEU A 217 1.67 6.94 -0.42
C LEU A 217 1.68 8.33 -1.05
N GLY A 218 2.71 8.67 -1.80
CA GLY A 218 2.77 9.98 -2.47
C GLY A 218 1.60 10.16 -3.40
N CYS A 219 1.27 9.13 -4.16
CA CYS A 219 0.12 9.20 -5.09
C CYS A 219 -1.17 9.45 -4.31
N MET A 220 -1.33 8.78 -3.19
CA MET A 220 -2.54 8.92 -2.37
C MET A 220 -2.57 10.35 -1.84
N LEU A 221 -1.45 10.86 -1.34
CA LEU A 221 -1.42 12.20 -0.74
C LEU A 221 -1.73 13.22 -1.84
N ALA A 222 -1.09 13.12 -2.99
CA ALA A 222 -1.33 14.08 -4.08
C ALA A 222 -2.81 14.13 -4.42
N SER A 223 -3.48 12.99 -4.49
N SER A 223 -3.45 12.98 -4.51
CA SER A 223 -4.92 12.92 -4.85
CA SER A 223 -4.89 12.93 -4.85
C SER A 223 -5.75 13.63 -3.76
C SER A 223 -5.70 13.68 -3.78
N MET A 224 -5.34 13.52 -2.51
CA MET A 224 -6.11 14.13 -1.38
C MET A 224 -5.89 15.64 -1.32
N ILE A 225 -4.65 16.11 -1.40
CA ILE A 225 -4.40 17.55 -1.17
C ILE A 225 -4.76 18.29 -2.42
N PHE A 226 -4.72 17.68 -3.59
CA PHE A 226 -5.09 18.40 -4.82
C PHE A 226 -6.54 18.13 -5.25
N ARG A 227 -7.24 17.20 -4.62
CA ARG A 227 -8.61 16.79 -5.03
C ARG A 227 -8.63 16.43 -6.51
N LYS A 228 -7.69 15.55 -6.86
CA LYS A 228 -7.50 15.08 -8.24
C LYS A 228 -7.39 13.57 -8.13
N GLU A 229 -8.46 12.82 -8.48
CA GLU A 229 -8.52 11.37 -8.21
C GLU A 229 -8.65 10.67 -9.54
N PRO A 230 -7.65 9.87 -10.00
CA PRO A 230 -6.33 9.74 -9.36
C PRO A 230 -5.44 10.87 -9.83
N PHE A 231 -4.30 11.03 -9.16
CA PHE A 231 -3.34 12.10 -9.52
C PHE A 231 -2.67 11.79 -10.86
N PHE A 232 -2.13 10.58 -10.99
CA PHE A 232 -1.51 10.12 -12.26
C PHE A 232 -2.53 9.20 -12.95
N HIS A 233 -3.30 9.77 -13.89
CA HIS A 233 -4.40 9.04 -14.59
C HIS A 233 -3.94 8.32 -15.87
N GLY A 234 -3.18 7.23 -15.76
CA GLY A 234 -2.79 6.48 -16.97
C GLY A 234 -3.93 5.62 -17.48
N HIS A 235 -4.00 5.41 -18.80
CA HIS A 235 -5.07 4.55 -19.39
C HIS A 235 -4.63 3.08 -19.39
N ASP A 236 -3.31 2.88 -19.33
N ASP A 236 -3.31 2.88 -19.30
CA ASP A 236 -2.68 1.53 -19.27
CA ASP A 236 -2.68 1.53 -19.27
C ASP A 236 -1.34 1.64 -18.53
C ASP A 236 -1.33 1.65 -18.55
N ASN A 237 -0.64 0.52 -18.34
CA ASN A 237 0.67 0.55 -17.62
C ASN A 237 1.69 1.42 -18.36
N TYR A 238 1.74 1.35 -19.69
CA TYR A 238 2.70 2.18 -20.46
C TYR A 238 2.36 3.67 -20.35
N ASP A 239 1.06 4.00 -20.48
CA ASP A 239 0.58 5.41 -20.38
C ASP A 239 0.85 5.93 -18.97
N GLN A 240 0.69 5.07 -17.95
CA GLN A 240 0.91 5.46 -16.54
C GLN A 240 2.27 6.14 -16.39
N LEU A 241 3.33 5.58 -17.00
CA LEU A 241 4.68 6.21 -16.89
C LEU A 241 4.66 7.58 -17.59
N VAL A 242 3.96 7.67 -18.72
CA VAL A 242 3.89 8.97 -19.46
C VAL A 242 3.20 10.01 -18.58
N ARG A 243 2.14 9.64 -17.86
CA ARG A 243 1.43 10.59 -16.96
C ARG A 243 2.41 11.08 -15.88
N ILE A 244 3.22 10.17 -15.35
CA ILE A 244 4.24 10.56 -14.33
C ILE A 244 5.27 11.48 -15.00
N ALA A 245 5.68 11.18 -16.23
CA ALA A 245 6.74 11.97 -16.90
C ALA A 245 6.19 13.36 -17.23
N LYS A 246 4.89 13.51 -17.47
CA LYS A 246 4.29 14.86 -17.72
C LYS A 246 4.45 15.77 -16.50
N VAL A 247 4.73 15.22 -15.33
CA VAL A 247 4.89 15.98 -14.09
C VAL A 247 6.37 16.02 -13.71
N LEU A 248 6.99 14.86 -13.60
CA LEU A 248 8.37 14.80 -13.09
C LEU A 248 9.35 15.14 -14.20
N GLY A 249 8.92 15.10 -15.46
CA GLY A 249 9.75 15.40 -16.63
C GLY A 249 10.52 14.19 -17.14
N THR A 250 10.89 14.24 -18.39
CA THR A 250 11.63 13.13 -19.03
C THR A 250 13.14 13.15 -18.74
N GLU A 251 13.76 14.31 -18.51
N GLU A 251 13.76 14.30 -18.45
CA GLU A 251 15.22 14.30 -18.23
CA GLU A 251 15.23 14.37 -18.19
C GLU A 251 15.47 13.34 -17.05
C GLU A 251 15.58 13.48 -16.98
N ASP A 252 14.79 13.57 -15.93
CA ASP A 252 15.13 12.81 -14.71
C ASP A 252 14.74 11.34 -14.88
N LEU A 253 13.81 11.04 -15.77
CA LEU A 253 13.46 9.64 -16.09
C LEU A 253 14.66 8.93 -16.70
N TYR A 254 15.31 9.58 -17.66
CA TYR A 254 16.52 9.02 -18.28
C TYR A 254 17.70 8.91 -17.31
N ASP A 255 17.87 9.83 -16.37
CA ASP A 255 18.91 9.68 -15.33
C ASP A 255 18.60 8.45 -14.50
N TYR A 256 17.34 8.22 -14.22
CA TYR A 256 16.93 7.03 -13.41
C TYR A 256 17.25 5.76 -14.17
N ILE A 257 16.79 5.66 -15.43
CA ILE A 257 17.00 4.40 -16.18
C ILE A 257 18.51 4.19 -16.39
N ASP A 258 19.28 5.26 -16.49
CA ASP A 258 20.73 5.08 -16.75
C ASP A 258 21.45 4.72 -15.44
N LYS A 259 21.02 5.29 -14.30
CA LYS A 259 21.63 4.87 -13.02
C LYS A 259 21.47 3.36 -12.88
N TYR A 260 20.34 2.74 -13.26
CA TYR A 260 20.13 1.32 -12.97
C TYR A 260 20.33 0.47 -14.24
N ASN A 261 20.78 1.11 -15.33
CA ASN A 261 21.01 0.42 -16.61
C ASN A 261 19.73 -0.34 -17.01
N ILE A 262 18.57 0.35 -16.91
CA ILE A 262 17.27 -0.23 -17.27
C ILE A 262 17.07 -0.03 -18.76
N GLU A 263 16.59 -1.09 -19.40
CA GLU A 263 16.22 -1.00 -20.82
C GLU A 263 14.75 -0.63 -20.88
N LEU A 264 14.43 0.47 -21.53
CA LEU A 264 13.02 0.93 -21.69
C LEU A 264 12.37 0.05 -22.74
N ASP A 265 11.24 -0.57 -22.40
CA ASP A 265 10.44 -1.33 -23.38
C ASP A 265 10.23 -0.46 -24.62
N PRO A 266 10.35 -1.05 -25.83
CA PRO A 266 10.05 -0.30 -27.05
C PRO A 266 8.66 0.37 -27.08
N ARG A 267 7.72 -0.13 -26.29
CA ARG A 267 6.33 0.44 -26.28
C ARG A 267 6.39 1.91 -25.86
N PHE A 268 7.43 2.33 -25.12
CA PHE A 268 7.56 3.73 -24.64
C PHE A 268 8.01 4.68 -25.76
N ASN A 269 8.64 4.15 -26.80
CA ASN A 269 9.39 4.96 -27.81
C ASN A 269 8.46 6.03 -28.39
N ASP A 270 7.23 5.67 -28.77
CA ASP A 270 6.34 6.62 -29.47
C ASP A 270 5.38 7.36 -28.54
N ILE A 271 5.31 7.01 -27.25
CA ILE A 271 4.31 7.72 -26.38
C ILE A 271 5.00 8.57 -25.31
N LEU A 272 6.27 8.27 -25.03
CA LEU A 272 6.95 9.00 -23.92
C LEU A 272 6.99 10.50 -24.20
N GLY A 273 7.46 10.92 -25.39
CA GLY A 273 7.63 12.34 -25.69
C GLY A 273 8.74 12.96 -24.88
N ARG A 274 8.63 14.27 -24.73
CA ARG A 274 9.59 15.13 -24.00
C ARG A 274 8.79 16.05 -23.12
N HIS A 275 9.10 16.08 -21.84
CA HIS A 275 8.33 16.85 -20.85
C HIS A 275 9.26 17.54 -19.88
N SER A 276 8.99 18.80 -19.59
CA SER A 276 9.63 19.57 -18.51
C SER A 276 9.20 19.00 -17.16
N ARG A 277 10.05 19.15 -16.18
CA ARG A 277 9.68 18.96 -14.75
C ARG A 277 8.78 20.13 -14.36
N LYS A 278 7.55 19.85 -13.90
CA LYS A 278 6.55 20.87 -13.47
C LYS A 278 6.80 21.27 -12.02
N ARG A 279 6.45 22.51 -11.69
CA ARG A 279 6.34 22.97 -10.29
C ARG A 279 5.06 22.38 -9.68
N TRP A 280 5.13 21.86 -8.46
CA TRP A 280 3.93 21.31 -7.78
C TRP A 280 2.86 22.38 -7.56
N GLU A 281 3.26 23.65 -7.49
CA GLU A 281 2.31 24.78 -7.29
C GLU A 281 1.32 24.86 -8.46
N ARG A 282 1.64 24.30 -9.63
CA ARG A 282 0.75 24.35 -10.82
C ARG A 282 -0.54 23.55 -10.56
N PHE A 283 -0.55 22.66 -9.58
CA PHE A 283 -1.70 21.78 -9.29
C PHE A 283 -2.62 22.41 -8.23
N VAL A 284 -2.25 23.61 -7.71
CA VAL A 284 -3.11 24.32 -6.72
C VAL A 284 -4.23 25.05 -7.46
N HIS A 285 -5.44 24.94 -6.95
CA HIS A 285 -6.66 25.55 -7.54
C HIS A 285 -7.63 25.98 -6.44
N SER A 286 -8.70 26.70 -6.77
CA SER A 286 -9.58 27.22 -5.69
C SER A 286 -10.16 26.08 -4.86
N GLU A 287 -10.45 24.95 -5.50
CA GLU A 287 -11.12 23.85 -4.77
C GLU A 287 -10.14 23.15 -3.82
N ASN A 288 -8.82 23.30 -3.95
CA ASN A 288 -7.87 22.49 -3.10
C ASN A 288 -6.95 23.36 -2.26
N GLN A 289 -6.96 24.70 -2.42
CA GLN A 289 -5.90 25.58 -1.83
C GLN A 289 -5.93 25.48 -0.30
N HIS A 290 -7.05 25.14 0.33
CA HIS A 290 -7.20 25.05 1.81
C HIS A 290 -6.47 23.81 2.32
N LEU A 291 -6.07 22.92 1.41
CA LEU A 291 -5.33 21.66 1.80
C LEU A 291 -3.84 21.74 1.51
N VAL A 292 -3.45 22.72 0.69
CA VAL A 292 -2.05 22.82 0.20
C VAL A 292 -1.27 23.85 1.02
N SER A 293 0.02 23.58 1.22
CA SER A 293 0.98 24.45 1.95
C SER A 293 2.37 24.20 1.37
N PRO A 294 3.35 25.11 1.57
CA PRO A 294 4.70 24.86 1.07
C PRO A 294 5.24 23.53 1.62
N GLU A 295 4.97 23.25 2.89
CA GLU A 295 5.41 22.00 3.57
C GLU A 295 4.79 20.79 2.87
N ALA A 296 3.50 20.85 2.52
CA ALA A 296 2.85 19.71 1.84
C ALA A 296 3.51 19.46 0.49
N LEU A 297 3.76 20.53 -0.27
CA LEU A 297 4.39 20.39 -1.62
C LEU A 297 5.83 19.88 -1.48
N ASP A 298 6.58 20.38 -0.49
CA ASP A 298 7.97 19.90 -0.30
C ASP A 298 7.94 18.41 0.06
N PHE A 299 7.00 18.01 0.91
CA PHE A 299 6.90 16.59 1.32
C PHE A 299 6.55 15.71 0.11
N LEU A 300 5.59 16.17 -0.70
CA LEU A 300 5.18 15.41 -1.91
C LEU A 300 6.38 15.29 -2.85
N ASP A 301 7.11 16.39 -3.03
CA ASP A 301 8.29 16.44 -3.91
C ASP A 301 9.32 15.39 -3.50
N LYS A 302 9.39 15.10 -2.20
CA LYS A 302 10.42 14.20 -1.63
C LYS A 302 9.94 12.74 -1.62
N LEU A 303 8.66 12.48 -1.85
CA LEU A 303 8.12 11.10 -2.04
C LEU A 303 8.11 10.69 -3.49
N LEU A 304 7.64 11.61 -4.36
CA LEU A 304 7.36 11.28 -5.76
C LEU A 304 8.61 11.54 -6.58
N ARG A 305 9.60 10.69 -6.39
CA ARG A 305 10.86 10.72 -7.17
C ARG A 305 10.98 9.41 -7.93
N TYR A 306 11.48 9.46 -9.16
CA TYR A 306 11.72 8.26 -9.96
C TYR A 306 12.63 7.28 -9.23
N ASP A 307 13.73 7.80 -8.71
CA ASP A 307 14.76 6.93 -8.08
C ASP A 307 14.22 6.48 -6.71
N HIS A 308 13.84 5.20 -6.60
CA HIS A 308 13.29 4.66 -5.33
C HIS A 308 14.25 4.92 -4.16
N GLN A 309 15.55 4.90 -4.42
CA GLN A 309 16.56 5.11 -3.36
C GLN A 309 16.48 6.54 -2.78
N SER A 310 16.17 7.51 -3.64
N SER A 310 16.19 7.51 -3.65
CA SER A 310 16.12 8.93 -3.24
CA SER A 310 16.12 8.93 -3.23
C SER A 310 14.84 9.28 -2.47
C SER A 310 14.84 9.28 -2.47
N ARG A 311 13.80 8.44 -2.53
CA ARG A 311 12.55 8.80 -1.83
C ARG A 311 12.77 8.80 -0.32
N LEU A 312 12.03 9.60 0.42
CA LEU A 312 12.05 9.50 1.89
C LEU A 312 11.68 8.08 2.30
N THR A 313 12.41 7.55 3.29
CA THR A 313 11.91 6.41 4.08
C THR A 313 10.66 6.83 4.86
N ALA A 314 9.93 5.86 5.44
CA ALA A 314 8.77 6.20 6.28
C ALA A 314 9.27 7.04 7.47
N ARG A 315 10.41 6.65 8.07
CA ARG A 315 10.87 7.37 9.27
C ARG A 315 11.33 8.78 8.90
N GLU A 316 11.98 8.96 7.76
CA GLU A 316 12.39 10.28 7.29
C GLU A 316 11.15 11.13 7.05
N ALA A 317 10.15 10.53 6.42
CA ALA A 317 8.85 11.20 6.14
C ALA A 317 8.24 11.71 7.44
N MET A 318 8.28 10.89 8.49
CA MET A 318 7.66 11.23 9.79
C MET A 318 8.36 12.44 10.42
N GLU A 319 9.61 12.72 10.03
CA GLU A 319 10.36 13.87 10.62
C GLU A 319 10.23 15.10 9.72
N HIS A 320 9.45 15.02 8.66
CA HIS A 320 9.29 16.16 7.73
C HIS A 320 8.45 17.28 8.37
N PRO A 321 8.73 18.57 8.06
CA PRO A 321 7.94 19.73 8.57
C PRO A 321 6.41 19.73 8.37
N TYR A 322 5.88 18.96 7.42
CA TYR A 322 4.44 18.80 7.13
C TYR A 322 3.73 18.21 8.37
N PHE A 323 4.41 17.33 9.11
CA PHE A 323 3.88 16.67 10.33
C PHE A 323 4.30 17.40 11.62
N TYR A 324 4.84 18.62 11.53
CA TYR A 324 5.25 19.35 12.77
C TYR A 324 4.04 19.62 13.70
N THR A 325 2.86 19.84 13.13
CA THR A 325 1.60 20.12 13.90
C THR A 325 0.92 18.84 14.40
N VAL A 326 1.47 17.65 14.10
CA VAL A 326 0.83 16.36 14.50
C VAL A 326 1.49 15.79 15.76
N VAL A 327 0.67 15.35 16.73
CA VAL A 327 1.17 14.78 18.02
C VAL A 327 2.08 13.57 17.71
N LYS A 328 3.20 13.50 18.43
CA LYS A 328 4.37 12.62 18.14
C LYS A 328 4.68 12.65 16.64
CA ALA B 1 -25.32 -19.54 4.71
C ALA B 1 -24.31 -19.52 3.56
N LEU B 2 -23.04 -19.20 3.83
CA LEU B 2 -22.01 -19.07 2.77
C LEU B 2 -20.71 -19.66 3.32
N TYR B 3 -20.07 -20.59 2.60
CA TYR B 3 -18.76 -21.16 2.99
C TYR B 3 -18.80 -21.64 4.44
N GLY B 4 -19.93 -22.18 4.88
CA GLY B 4 -20.06 -22.81 6.21
C GLY B 4 -20.47 -21.83 7.29
N PHE B 5 -20.50 -20.55 7.00
CA PHE B 5 -21.01 -19.56 7.98
C PHE B 5 -22.55 -19.53 7.91
N LYS B 6 -23.14 -19.23 9.05
CA LYS B 6 -24.56 -18.82 9.09
C LYS B 6 -24.64 -17.33 8.82
N TRP B 7 -25.73 -16.86 8.20
CA TRP B 7 -26.13 -15.43 8.21
C TRP B 7 -26.72 -15.11 9.57
N ALA B 8 -26.31 -13.99 10.17
PB ADP C . -8.84 -7.58 -1.19
O1B ADP C . -7.45 -8.15 -0.99
O2B ADP C . -8.78 -6.17 -1.80
O3B ADP C . -9.71 -8.49 -1.94
PA ADP C . -9.35 -6.35 1.40
O1A ADP C . -8.70 -7.01 2.57
O2A ADP C . -8.74 -5.11 0.80
O3A ADP C . -9.54 -7.42 0.29
O5' ADP C . -10.90 -6.09 1.83
C5' ADP C . -11.78 -5.62 0.76
C4' ADP C . -12.61 -4.49 1.30
O4' ADP C . -13.39 -4.91 2.46
C3' ADP C . -11.84 -3.28 1.77
O3' ADP C . -11.49 -2.44 0.66
C2' ADP C . -12.84 -2.65 2.72
O2' ADP C . -13.81 -1.90 2.01
C1' ADP C . -13.45 -3.87 3.40
N9 ADP C . -12.74 -4.23 4.62
C8 ADP C . -11.73 -5.15 4.74
N7 ADP C . -11.26 -5.23 5.96
C5 ADP C . -12.04 -4.35 6.71
C6 ADP C . -12.04 -4.05 8.10
N6 ADP C . -11.21 -4.61 8.99
N1 ADP C . -12.95 -3.14 8.55
C2 ADP C . -13.78 -2.62 7.60
N3 ADP C . -13.90 -2.86 6.28
C4 ADP C . -12.95 -3.74 5.88
C ACT D . -10.16 -2.50 -4.67
O ACT D . -10.90 -2.82 -3.71
OXT ACT D . -8.97 -2.78 -4.71
CH3 ACT D . -10.75 -1.70 -5.83
C ACT E . -5.29 -4.68 -6.16
O ACT E . -5.96 -5.05 -5.18
OXT ACT E . -4.88 -3.50 -6.33
CH3 ACT E . -4.97 -5.72 -7.23
C1 GOL F . -5.32 -16.08 15.56
O1 GOL F . -6.06 -17.06 16.30
C2 GOL F . -4.17 -16.74 14.83
O2 GOL F . -3.51 -15.73 14.09
C3 GOL F . -3.17 -17.46 15.74
O3 GOL F . -2.35 -16.56 16.47
MG MG G . -8.01 -4.45 -0.89
MG MG H . -5.65 -7.42 -1.55
C1 PEG I . -0.32 -5.47 -13.12
O1 PEG I . -1.20 -4.90 -14.08
C2 PEG I . -0.75 -5.21 -11.71
O2 PEG I . -1.92 -5.97 -11.41
C3 PEG I . -2.56 -5.54 -10.20
C4 PEG I . -1.71 -5.86 -9.01
O4 PEG I . -1.85 -7.20 -8.59
S SO4 J . 0.77 -11.65 18.86
O1 SO4 J . 0.83 -12.00 20.28
O2 SO4 J . 0.75 -12.83 18.11
O3 SO4 J . 1.95 -10.82 18.53
O4 SO4 J . -0.44 -10.83 18.61
S SO4 K . 2.98 -11.97 -6.11
O1 SO4 K . 3.08 -13.35 -6.48
O2 SO4 K . 1.85 -11.80 -5.23
O3 SO4 K . 2.78 -11.18 -7.29
O4 SO4 K . 4.17 -11.59 -5.42
S SO4 L . -3.63 14.63 -22.68
O1 SO4 L . -2.50 13.74 -22.73
O2 SO4 L . -4.16 14.65 -21.35
O3 SO4 L . -3.20 15.95 -23.05
O4 SO4 L . -4.64 14.17 -23.60
S SO4 M . -12.31 10.54 -18.99
O1 SO4 M . -10.94 10.16 -19.16
O2 SO4 M . -13.00 9.52 -18.26
O3 SO4 M . -12.39 11.77 -18.27
O4 SO4 M . -12.93 10.71 -20.27
NA NA N . 7.89 -19.14 14.76
C1 GOL O . 8.63 22.68 -6.40
O1 GOL O . 7.28 22.77 -6.86
C2 GOL O . 8.78 23.03 -4.93
O2 GOL O . 8.37 24.35 -4.65
C3 GOL O . 8.15 22.06 -3.98
O3 GOL O . 8.44 22.43 -2.65
C1 GOL P . -0.07 3.16 -24.59
O1 GOL P . 0.31 1.79 -24.56
C2 GOL P . -1.23 3.34 -25.55
O2 GOL P . -0.75 3.33 -26.89
C3 GOL P . -2.04 4.58 -25.27
O3 GOL P . -2.14 4.85 -23.88
#